data_3LSY
#
_entry.id   3LSY
#
_cell.length_a   132.035
_cell.length_b   132.035
_cell.length_c   83.026
_cell.angle_alpha   90.00
_cell.angle_beta   90.00
_cell.angle_gamma   90.00
#
_symmetry.space_group_name_H-M   'P 43 21 2'
#
loop_
_entity.id
_entity.type
_entity.pdbx_description
1 polymer 'Enoyl-ACP reductase'
2 non-polymer NICOTINAMIDE-ADENINE-DINUCLEOTIDE
3 non-polymer 3-hydroxy-4-phenoxybenzaldehyde
4 water water
#
_entity_poly.entity_id   1
_entity_poly.type   'polypeptide(L)'
_entity_poly.pdbx_seq_one_letter_code
;NEDICFIAGIGDTNGYGWGIAKELSKRNVKIIFGIWPPVYNIFMKNYKNGKFDNDMIIDKDKKMNILDMLPFDASFDTAN
DIDEETKNNKRYNMLQNYTIEDVANLIHQKYGKINMLVHSLANAKEVQKDLLNTSRKGYLDALSKSSYSLISLCKYFVNI
MKPQSSIISLTYHASQKVVPGYGGGMSSAKAALESDTRVLAYHLGRNYNIRINTISAGPLKSRAATAINKLNNTYENNTN
QNKNRNRHDVHNIMNNSGEKEEKKISASQNYTFIDYAIEYSEKYAPLRQKLLSTDIGSVASFLLSRESRAITGQTIYVDN
GLNIMFLPD
;
_entity_poly.pdbx_strand_id   A,B
#
# COMPACT_ATOMS: atom_id res chain seq x y z
N ASN A 1 -7.44 0.76 21.71
CA ASN A 1 -7.86 -0.34 22.65
C ASN A 1 -6.66 -1.13 23.24
N GLU A 2 -5.72 -0.39 23.84
CA GLU A 2 -4.46 -0.98 24.31
C GLU A 2 -3.49 -1.24 23.15
N ASP A 3 -3.43 -0.30 22.19
CA ASP A 3 -2.39 -0.28 21.13
C ASP A 3 -1.41 0.84 21.45
N ILE A 4 -0.11 0.55 21.42
CA ILE A 4 0.90 1.56 21.73
C ILE A 4 1.95 1.63 20.64
N CYS A 5 2.14 2.82 20.03
CA CYS A 5 3.18 3.01 19.02
C CYS A 5 4.34 3.88 19.49
N PHE A 6 5.56 3.49 19.13
CA PHE A 6 6.76 4.29 19.41
C PHE A 6 7.27 4.93 18.14
N ILE A 7 7.39 6.25 18.14
CA ILE A 7 7.88 6.99 17.00
C ILE A 7 9.25 7.59 17.27
N ALA A 8 10.27 7.00 16.65
CA ALA A 8 11.62 7.53 16.72
C ALA A 8 11.76 8.72 15.78
N GLY A 9 12.30 9.82 16.28
CA GLY A 9 12.74 10.92 15.41
C GLY A 9 11.76 12.05 15.19
N ILE A 10 11.23 12.59 16.27
CA ILE A 10 10.48 13.83 16.19
C ILE A 10 11.33 14.90 16.82
N GLY A 11 11.19 16.11 16.30
CA GLY A 11 11.82 17.32 16.86
C GLY A 11 10.86 18.51 16.93
N ASP A 12 9.75 18.41 16.21
CA ASP A 12 8.82 19.50 16.06
C ASP A 12 7.71 18.89 15.26
N THR A 13 6.78 19.74 14.83
CA THR A 13 5.54 19.28 14.20
C THR A 13 5.38 19.49 12.68
N ASN A 14 6.50 19.65 11.99
CA ASN A 14 6.53 19.89 10.53
C ASN A 14 7.09 18.69 9.74
N GLY A 15 7.29 17.59 10.44
CA GLY A 15 7.85 16.40 9.87
C GLY A 15 6.83 15.33 9.67
N TYR A 16 7.26 14.21 9.14
CA TYR A 16 6.37 13.10 8.91
C TYR A 16 6.03 12.37 10.22
N GLY A 17 6.95 12.40 11.18
CA GLY A 17 6.69 11.82 12.49
C GLY A 17 5.46 12.41 13.14
N TRP A 18 5.24 13.70 12.96
CA TRP A 18 4.02 14.32 13.47
C TRP A 18 2.79 13.80 12.70
N GLY A 19 2.85 13.84 11.37
CA GLY A 19 1.77 13.36 10.53
C GLY A 19 1.37 11.95 10.88
N ILE A 20 2.36 11.10 11.14
CA ILE A 20 2.10 9.72 11.49
C ILE A 20 1.43 9.70 12.85
N ALA A 21 1.83 10.60 13.73
CA ALA A 21 1.29 10.62 15.09
C ALA A 21 -0.14 11.10 15.10
N LYS A 22 -0.45 12.16 14.34
CA LYS A 22 -1.85 12.61 14.16
C LYS A 22 -2.78 11.46 13.79
N GLU A 23 -2.50 10.83 12.64
CA GLU A 23 -3.38 9.82 12.07
C GLU A 23 -3.58 8.60 12.98
N LEU A 24 -2.51 8.12 13.57
CA LEU A 24 -2.64 7.00 14.50
C LEU A 24 -3.52 7.34 15.72
N SER A 25 -3.63 8.63 16.04
CA SER A 25 -4.46 9.02 17.17
C SER A 25 -5.91 8.88 16.81
N LYS A 26 -6.25 9.07 15.53
CA LYS A 26 -7.60 8.83 15.05
C LYS A 26 -8.08 7.44 15.37
N ARG A 27 -7.17 6.46 15.37
CA ARG A 27 -7.52 5.06 15.69
C ARG A 27 -7.30 4.75 17.16
N ASN A 28 -7.19 5.79 17.98
CA ASN A 28 -7.06 5.65 19.44
C ASN A 28 -5.78 4.91 19.93
N VAL A 29 -4.70 4.96 19.13
CA VAL A 29 -3.41 4.42 19.55
C VAL A 29 -2.74 5.45 20.48
N LYS A 30 -2.14 4.97 21.56
CA LYS A 30 -1.36 5.85 22.43
C LYS A 30 0.00 6.00 21.78
N ILE A 31 0.56 7.22 21.86
CA ILE A 31 1.79 7.62 21.17
C ILE A 31 2.97 7.84 22.13
N ILE A 32 4.16 7.37 21.79
CA ILE A 32 5.33 7.71 22.58
C ILE A 32 6.36 8.26 21.63
N PHE A 33 6.81 9.49 21.86
CA PHE A 33 7.86 10.04 21.01
C PHE A 33 9.27 9.70 21.48
N GLY A 34 10.17 9.49 20.52
CA GLY A 34 11.60 9.42 20.77
C GLY A 34 12.30 10.65 20.20
N ILE A 35 12.86 11.48 21.07
CA ILE A 35 13.41 12.75 20.63
C ILE A 35 14.92 12.76 20.81
N TRP A 36 15.61 13.14 19.73
CA TRP A 36 17.05 13.27 19.72
C TRP A 36 17.52 14.27 20.77
N PRO A 37 18.43 13.85 21.68
CA PRO A 37 18.95 14.60 22.80
C PRO A 37 19.15 16.10 22.57
N PRO A 38 19.83 16.49 21.48
CA PRO A 38 20.16 17.92 21.37
C PRO A 38 18.95 18.82 21.14
N VAL A 39 17.81 18.26 20.69
CA VAL A 39 16.58 19.09 20.63
C VAL A 39 15.46 18.77 21.64
N TYR A 40 15.69 17.77 22.51
CA TYR A 40 14.72 17.32 23.54
C TYR A 40 14.24 18.42 24.44
N ASN A 41 15.20 19.12 25.05
CA ASN A 41 14.86 20.18 25.98
C ASN A 41 14.06 21.29 25.35
N ILE A 42 14.47 21.77 24.18
CA ILE A 42 13.66 22.78 23.52
C ILE A 42 12.25 22.26 23.16
N PHE A 43 12.16 21.02 22.67
CA PHE A 43 10.87 20.43 22.26
C PHE A 43 9.96 20.44 23.47
N MET A 44 10.51 19.98 24.59
CA MET A 44 9.78 19.90 25.86
C MET A 44 9.28 21.28 26.29
N LYS A 45 10.11 22.31 26.07
CA LYS A 45 9.77 23.69 26.41
C LYS A 45 8.55 24.10 25.59
N ASN A 46 8.62 23.92 24.28
CA ASN A 46 7.51 24.29 23.40
C ASN A 46 6.22 23.60 23.75
N TYR A 47 6.27 22.30 24.01
CA TYR A 47 5.09 21.53 24.39
C TYR A 47 4.37 22.14 25.60
N LYS A 48 5.16 22.51 26.62
CA LYS A 48 4.64 23.05 27.88
C LYS A 48 4.13 24.50 27.71
N ASN A 49 4.85 25.28 26.90
CA ASN A 49 4.42 26.63 26.46
C ASN A 49 3.29 26.65 25.42
N GLY A 50 2.72 25.48 25.16
CA GLY A 50 1.54 25.32 24.32
C GLY A 50 1.71 25.55 22.84
N LYS A 51 2.95 25.65 22.38
CA LYS A 51 3.19 26.00 20.98
C LYS A 51 2.44 25.06 20.04
N PHE A 52 2.23 23.81 20.50
CA PHE A 52 1.70 22.75 19.64
C PHE A 52 0.23 22.42 19.83
N ASP A 53 -0.43 23.15 20.72
CA ASP A 53 -1.83 22.87 21.07
C ASP A 53 -2.68 22.66 19.82
N ASN A 54 -2.60 23.62 18.91
CA ASN A 54 -3.35 23.55 17.66
C ASN A 54 -3.03 22.29 16.86
N ASP A 55 -1.75 21.98 16.72
CA ASP A 55 -1.34 20.81 15.96
C ASP A 55 -1.73 19.47 16.61
N MET A 56 -2.27 19.53 17.82
CA MET A 56 -2.65 18.32 18.54
C MET A 56 -4.15 18.00 18.44
N ILE A 57 -4.91 18.92 17.86
CA ILE A 57 -6.36 18.79 17.74
C ILE A 57 -6.67 17.76 16.67
N ILE A 58 -7.62 16.87 16.93
CA ILE A 58 -8.04 15.88 15.93
C ILE A 58 -9.57 15.73 15.88
N ASP A 59 -10.10 15.61 14.64
CA ASP A 59 -11.55 15.42 14.39
C ASP A 59 -12.38 16.38 15.22
N LYS A 60 -13.39 15.85 15.91
CA LYS A 60 -14.39 16.64 16.65
C LYS A 60 -13.98 17.02 18.07
N ASP A 61 -14.01 16.04 18.97
CA ASP A 61 -13.65 16.29 20.37
C ASP A 61 -12.48 15.43 20.86
N LYS A 62 -11.57 15.09 19.93
CA LYS A 62 -10.40 14.23 20.25
C LYS A 62 -9.07 14.98 20.15
N LYS A 63 -8.24 14.81 21.17
CA LYS A 63 -6.88 15.39 21.19
C LYS A 63 -5.86 14.30 20.85
N MET A 64 -4.68 14.68 20.36
CA MET A 64 -3.56 13.71 20.30
C MET A 64 -3.16 13.21 21.72
N ASN A 65 -2.99 11.89 21.84
CA ASN A 65 -2.77 11.26 23.16
C ASN A 65 -1.35 10.79 23.34
N ILE A 66 -0.50 11.68 23.84
CA ILE A 66 0.93 11.44 23.99
C ILE A 66 1.22 10.80 25.33
N LEU A 67 1.45 9.48 25.31
CA LEU A 67 1.64 8.69 26.50
C LEU A 67 2.89 9.14 27.23
N ASP A 68 3.97 9.37 26.48
CA ASP A 68 5.26 9.81 27.05
C ASP A 68 6.16 10.45 25.98
N MET A 69 7.17 11.19 26.44
CA MET A 69 8.14 11.83 25.56
C MET A 69 9.49 11.65 26.17
N LEU A 70 10.39 10.98 25.42
CA LEU A 70 11.65 10.45 25.94
C LEU A 70 12.80 10.88 25.05
N PRO A 71 14.00 11.14 25.65
CA PRO A 71 15.22 11.35 24.86
C PRO A 71 15.69 10.04 24.25
N PHE A 72 16.18 10.10 23.00
CA PHE A 72 16.53 8.91 22.18
C PHE A 72 17.53 9.28 21.08
N ASP A 73 18.70 8.65 21.10
CA ASP A 73 19.72 8.91 20.11
C ASP A 73 20.14 7.65 19.40
N ALA A 74 19.86 7.58 18.11
CA ALA A 74 19.95 6.35 17.35
C ALA A 74 21.37 6.05 16.97
N SER A 75 22.27 6.94 17.38
CA SER A 75 23.71 6.72 17.27
C SER A 75 24.19 5.58 18.16
N PHE A 76 23.52 5.35 19.30
CA PHE A 76 24.04 4.43 20.34
C PHE A 76 23.11 3.29 20.72
N ASP A 77 23.61 2.06 20.58
CA ASP A 77 22.81 0.85 20.86
C ASP A 77 22.67 0.58 22.37
N THR A 78 23.81 0.59 23.06
CA THR A 78 23.82 0.41 24.52
C THR A 78 24.56 1.57 25.22
N ALA A 79 24.47 1.58 26.55
CA ALA A 79 25.32 2.41 27.41
C ALA A 79 26.81 2.33 27.07
N ASN A 80 27.29 1.12 26.78
CA ASN A 80 28.70 0.90 26.45
C ASN A 80 29.19 1.65 25.20
N ASP A 81 28.29 2.30 24.47
CA ASP A 81 28.60 2.88 23.15
C ASP A 81 28.86 4.38 23.17
N ILE A 82 28.47 5.05 24.25
CA ILE A 82 28.60 6.50 24.34
C ILE A 82 30.02 6.89 24.74
N ASP A 83 30.66 7.72 23.93
CA ASP A 83 32.04 8.17 24.18
C ASP A 83 32.17 9.31 25.20
N GLU A 84 33.40 9.54 25.64
CA GLU A 84 33.70 10.53 26.70
C GLU A 84 33.30 11.98 26.39
N GLU A 85 33.42 12.35 25.11
CA GLU A 85 33.00 13.69 24.66
C GLU A 85 31.49 13.90 24.75
N THR A 86 30.72 12.97 24.17
CA THR A 86 29.26 13.01 24.20
C THR A 86 28.73 13.05 25.64
N LYS A 87 29.19 12.08 26.46
CA LYS A 87 28.83 12.01 27.88
C LYS A 87 29.06 13.37 28.56
N ASN A 88 30.26 13.92 28.35
CA ASN A 88 30.65 15.24 28.87
C ASN A 88 29.82 16.43 28.36
N ASN A 89 29.18 16.28 27.20
CA ASN A 89 28.50 17.39 26.49
C ASN A 89 27.25 18.03 27.17
N LYS A 90 27.09 19.34 26.98
CA LYS A 90 26.02 20.15 27.59
C LYS A 90 24.60 19.61 27.33
N ARG A 91 24.33 19.24 26.07
CA ARG A 91 23.07 18.62 25.68
C ARG A 91 22.79 17.32 26.46
N TYR A 92 23.80 16.44 26.51
CA TYR A 92 23.66 15.07 27.04
C TYR A 92 23.76 14.88 28.57
N ASN A 93 24.66 15.61 29.21
CA ASN A 93 24.88 15.55 30.68
C ASN A 93 23.58 15.59 31.51
N MET A 94 22.60 16.32 31.01
CA MET A 94 21.35 16.50 31.76
C MET A 94 20.32 15.39 31.56
N LEU A 95 20.67 14.41 30.73
CA LEU A 95 19.74 13.35 30.38
C LEU A 95 20.35 11.96 30.53
N GLN A 96 19.49 10.95 30.51
CA GLN A 96 19.86 9.57 30.83
C GLN A 96 18.91 8.55 30.18
N ASN A 97 19.48 7.37 29.87
CA ASN A 97 18.75 6.23 29.27
C ASN A 97 18.22 6.46 27.86
N TYR A 98 18.98 7.19 27.06
CA TYR A 98 18.57 7.56 25.70
C TYR A 98 19.11 6.66 24.58
N THR A 99 19.74 5.53 24.92
CA THR A 99 20.21 4.61 23.87
C THR A 99 19.09 3.69 23.45
N ILE A 100 19.23 3.13 22.24
CA ILE A 100 18.27 2.25 21.65
C ILE A 100 17.88 1.18 22.65
N GLU A 101 18.86 0.56 23.31
CA GLU A 101 18.54 -0.47 24.28
C GLU A 101 17.87 0.13 25.51
N ASP A 102 18.32 1.30 25.93
CA ASP A 102 17.76 1.84 27.17
C ASP A 102 16.34 2.30 26.98
N VAL A 103 15.98 2.63 25.73
CA VAL A 103 14.63 3.09 25.49
C VAL A 103 13.61 1.93 25.42
N ALA A 104 13.95 0.86 24.71
CA ALA A 104 13.22 -0.38 24.83
C ALA A 104 13.00 -0.76 26.29
N ASN A 105 14.10 -0.89 27.05
CA ASN A 105 14.02 -1.27 28.47
C ASN A 105 13.05 -0.40 29.28
N LEU A 106 13.16 0.91 29.08
CA LEU A 106 12.40 1.91 29.82
C LEU A 106 10.91 1.94 29.44
N ILE A 107 10.62 1.95 28.14
CA ILE A 107 9.24 1.85 27.68
C ILE A 107 8.63 0.62 28.31
N HIS A 108 9.23 -0.54 28.02
CA HIS A 108 8.73 -1.85 28.45
C HIS A 108 8.44 -1.91 29.93
N GLN A 109 9.35 -1.37 30.75
CA GLN A 109 9.21 -1.32 32.22
C GLN A 109 8.03 -0.42 32.68
N LYS A 110 7.91 0.75 32.06
CA LYS A 110 6.82 1.68 32.37
C LYS A 110 5.42 1.23 31.90
N TYR A 111 5.34 0.60 30.72
CA TYR A 111 4.06 0.41 30.01
C TYR A 111 3.79 -0.96 29.42
N GLY A 112 4.69 -1.91 29.65
CA GLY A 112 4.51 -3.23 29.08
C GLY A 112 4.81 -3.26 27.60
N LYS A 113 4.26 -4.26 26.93
CA LYS A 113 4.64 -4.52 25.55
C LYS A 113 3.83 -3.65 24.60
N ILE A 114 4.50 -3.23 23.53
CA ILE A 114 3.91 -2.40 22.48
C ILE A 114 3.69 -3.23 21.24
N ASN A 115 3.01 -2.65 20.25
CA ASN A 115 2.77 -3.38 19.01
C ASN A 115 3.04 -2.60 17.72
N MET A 116 3.57 -1.39 17.85
CA MET A 116 3.80 -0.50 16.70
C MET A 116 5.09 0.28 16.83
N LEU A 117 5.97 0.08 15.84
CA LEU A 117 7.25 0.76 15.76
C LEU A 117 7.31 1.65 14.52
N VAL A 118 7.79 2.87 14.67
CA VAL A 118 8.02 3.67 13.47
C VAL A 118 9.41 4.23 13.51
N HIS A 119 10.12 4.14 12.37
CA HIS A 119 11.45 4.74 12.21
C HIS A 119 11.35 5.95 11.29
N SER A 120 11.76 7.10 11.79
CA SER A 120 11.42 8.32 11.11
C SER A 120 12.49 9.34 11.31
N LEU A 121 13.75 8.87 11.22
CA LEU A 121 14.91 9.72 11.40
C LEU A 121 15.90 9.45 10.31
N ALA A 122 16.55 10.51 9.86
CA ALA A 122 17.65 10.48 8.92
C ALA A 122 18.62 11.56 9.35
N ASN A 123 19.91 11.33 9.08
CA ASN A 123 20.98 12.27 9.43
C ASN A 123 22.26 11.99 8.66
N ALA A 124 22.79 13.02 8.00
CA ALA A 124 23.93 12.89 7.11
C ALA A 124 24.80 14.16 7.23
N LYS A 125 25.94 14.03 7.92
CA LYS A 125 26.80 15.19 8.22
C LYS A 125 27.25 15.94 6.95
N GLU A 126 27.45 15.21 5.85
CA GLU A 126 27.93 15.79 4.58
C GLU A 126 26.88 15.91 3.45
N VAL A 127 25.60 15.85 3.83
CA VAL A 127 24.49 15.89 2.88
C VAL A 127 24.61 16.94 1.75
N GLN A 128 25.34 18.00 2.03
CA GLN A 128 25.45 19.14 1.15
C GLN A 128 26.55 18.91 0.11
N LYS A 129 27.33 17.85 0.30
CA LYS A 129 28.43 17.52 -0.61
C LYS A 129 28.00 16.37 -1.49
N ASP A 130 28.30 16.45 -2.79
CA ASP A 130 27.82 15.43 -3.72
C ASP A 130 28.57 14.13 -3.43
N LEU A 131 28.09 13.01 -3.97
CA LEU A 131 28.58 11.70 -3.50
C LEU A 131 30.10 11.54 -3.62
N LEU A 132 30.63 12.07 -4.73
CA LEU A 132 32.04 11.94 -5.14
C LEU A 132 33.02 12.64 -4.21
N ASN A 133 32.56 13.71 -3.58
CA ASN A 133 33.38 14.44 -2.64
C ASN A 133 32.96 14.17 -1.19
N THR A 134 32.14 13.15 -1.01
CA THR A 134 31.78 12.66 0.32
C THR A 134 32.93 11.82 0.86
N SER A 135 33.37 12.16 2.08
CA SER A 135 34.40 11.38 2.76
C SER A 135 33.91 10.04 3.35
N ARG A 136 34.86 9.26 3.83
CA ARG A 136 34.58 7.96 4.40
C ARG A 136 33.78 8.09 5.68
N LYS A 137 34.20 9.05 6.52
CA LYS A 137 33.55 9.25 7.83
C LYS A 137 32.12 9.74 7.63
N GLY A 138 31.93 10.75 6.79
CA GLY A 138 30.61 11.28 6.48
C GLY A 138 29.61 10.28 5.86
N TYR A 139 30.14 9.40 5.00
CA TYR A 139 29.38 8.33 4.38
C TYR A 139 28.89 7.34 5.43
N LEU A 140 29.79 6.94 6.31
CA LEU A 140 29.46 5.92 7.30
C LEU A 140 28.57 6.49 8.41
N ASP A 141 28.77 7.76 8.73
CA ASP A 141 27.95 8.45 9.72
C ASP A 141 26.49 8.45 9.20
N ALA A 142 26.32 8.77 7.91
CA ALA A 142 25.04 8.69 7.20
C ALA A 142 24.47 7.30 7.26
N LEU A 143 25.27 6.30 6.93
CA LEU A 143 24.75 4.95 6.97
C LEU A 143 24.39 4.50 8.41
N SER A 144 25.15 5.00 9.39
CA SER A 144 25.01 4.54 10.76
C SER A 144 23.69 5.04 11.32
N LYS A 145 23.44 6.33 11.16
CA LYS A 145 22.29 6.96 11.78
C LYS A 145 20.97 6.73 11.02
N SER A 146 21.09 6.65 9.69
CA SER A 146 19.94 6.56 8.78
C SER A 146 19.52 5.16 8.42
N SER A 147 20.42 4.20 8.49
CA SER A 147 20.08 2.87 8.05
C SER A 147 20.33 1.83 9.14
N TYR A 148 21.57 1.73 9.62
CA TYR A 148 21.82 0.78 10.70
C TYR A 148 20.93 1.02 11.88
N SER A 149 20.53 2.26 12.10
CA SER A 149 19.56 2.52 13.16
C SER A 149 18.35 1.61 13.07
N LEU A 150 17.89 1.27 11.86
CA LEU A 150 16.68 0.46 11.70
C LEU A 150 16.88 -0.94 12.25
N ILE A 151 18.01 -1.55 11.91
CA ILE A 151 18.27 -2.89 12.35
C ILE A 151 18.35 -2.92 13.87
N SER A 152 19.09 -1.97 14.45
CA SER A 152 19.26 -1.96 15.90
C SER A 152 17.90 -1.85 16.61
N LEU A 153 17.12 -0.85 16.18
CA LEU A 153 15.77 -0.66 16.65
C LEU A 153 14.94 -1.94 16.63
N CYS A 154 15.07 -2.71 15.57
CA CYS A 154 14.33 -3.95 15.48
C CYS A 154 14.94 -4.94 16.45
N LYS A 155 16.28 -4.95 16.53
CA LYS A 155 17.00 -5.94 17.31
C LYS A 155 16.70 -5.82 18.80
N TYR A 156 16.48 -4.61 19.29
CA TYR A 156 16.19 -4.48 20.70
C TYR A 156 14.70 -4.55 20.99
N PHE A 157 13.91 -4.04 20.06
CA PHE A 157 12.49 -3.82 20.31
C PHE A 157 11.59 -5.00 20.07
N VAL A 158 12.07 -6.02 19.37
CA VAL A 158 11.26 -7.23 19.17
C VAL A 158 10.89 -7.83 20.51
N ASN A 159 11.85 -7.78 21.43
CA ASN A 159 11.68 -8.26 22.80
C ASN A 159 10.44 -7.75 23.54
N ILE A 160 10.10 -6.50 23.25
CA ILE A 160 9.05 -5.80 23.98
C ILE A 160 7.82 -5.64 23.10
N MET A 161 7.75 -6.40 22.01
CA MET A 161 6.57 -6.33 21.16
C MET A 161 5.70 -7.59 21.23
N LYS A 162 4.42 -7.42 20.89
CA LYS A 162 3.51 -8.55 20.78
C LYS A 162 3.62 -9.19 19.41
N PRO A 163 3.24 -10.48 19.29
CA PRO A 163 3.21 -11.04 17.93
C PRO A 163 2.15 -10.32 17.12
N GLN A 164 2.37 -10.25 15.81
CA GLN A 164 1.49 -9.57 14.86
C GLN A 164 1.63 -8.04 14.90
N SER A 165 2.76 -7.60 15.43
CA SER A 165 3.17 -6.17 15.43
C SER A 165 3.58 -5.73 14.03
N SER A 166 3.55 -4.42 13.81
CA SER A 166 4.04 -3.83 12.56
C SER A 166 5.09 -2.73 12.78
N ILE A 167 5.97 -2.60 11.79
CA ILE A 167 7.07 -1.63 11.83
C ILE A 167 7.15 -0.94 10.47
N ILE A 168 7.31 0.38 10.44
CA ILE A 168 7.62 1.07 9.20
C ILE A 168 8.81 1.98 9.41
N SER A 169 9.29 2.51 8.28
CA SER A 169 10.30 3.57 8.23
C SER A 169 9.99 4.36 6.97
N LEU A 170 10.70 5.46 6.75
CA LEU A 170 10.41 6.30 5.60
C LEU A 170 11.63 6.35 4.70
N THR A 171 11.42 6.32 3.38
CA THR A 171 12.54 6.34 2.43
C THR A 171 12.34 7.38 1.34
N TYR A 172 13.28 7.53 0.42
CA TYR A 172 13.10 8.44 -0.68
C TYR A 172 13.49 7.75 -1.98
N HIS A 173 12.75 8.06 -3.04
CA HIS A 173 13.09 7.63 -4.39
C HIS A 173 14.60 7.76 -4.81
N ALA A 174 15.38 8.66 -4.19
CA ALA A 174 16.80 8.92 -4.61
C ALA A 174 17.66 7.69 -4.57
N SER A 175 17.14 6.63 -3.98
CA SER A 175 17.84 5.37 -3.85
C SER A 175 17.73 4.60 -5.15
N GLN A 176 16.74 4.96 -5.97
CA GLN A 176 16.43 4.23 -7.21
C GLN A 176 16.83 5.01 -8.45
N LYS A 177 16.71 6.33 -8.35
CA LYS A 177 16.97 7.24 -9.47
C LYS A 177 17.66 8.46 -8.95
N VAL A 178 18.55 8.99 -9.78
CA VAL A 178 19.41 10.09 -9.40
C VAL A 178 18.67 11.40 -9.12
N VAL A 179 18.86 11.85 -7.88
CA VAL A 179 18.45 13.17 -7.40
C VAL A 179 19.75 13.97 -7.11
N PRO A 180 20.13 14.86 -8.05
CA PRO A 180 21.34 15.70 -7.96
C PRO A 180 21.72 16.25 -6.55
N GLY A 181 20.85 16.99 -5.88
CA GLY A 181 21.27 17.60 -4.61
C GLY A 181 21.29 16.74 -3.35
N TYR A 182 20.91 15.46 -3.45
CA TYR A 182 20.70 14.56 -2.30
C TYR A 182 22.00 13.85 -1.99
N GLY A 183 22.92 14.60 -1.41
CA GLY A 183 24.30 14.15 -1.32
C GLY A 183 24.61 13.47 -0.01
N GLY A 184 25.91 13.44 0.31
CA GLY A 184 26.43 12.80 1.51
C GLY A 184 26.11 11.32 1.72
N GLY A 185 25.60 10.68 0.67
CA GLY A 185 25.27 9.28 0.78
C GLY A 185 23.99 8.95 1.52
N MET A 186 23.07 9.92 1.61
CA MET A 186 21.66 9.66 1.94
C MET A 186 20.99 8.78 0.86
N SER A 187 21.33 9.02 -0.41
CA SER A 187 21.01 8.04 -1.45
C SER A 187 21.44 6.63 -1.00
N SER A 188 22.70 6.53 -0.61
CA SER A 188 23.31 5.25 -0.24
C SER A 188 22.56 4.66 0.95
N ALA A 189 22.28 5.55 1.89
CA ALA A 189 21.61 5.17 3.09
C ALA A 189 20.21 4.66 2.73
N LYS A 190 19.46 5.45 1.97
CA LYS A 190 18.13 5.03 1.56
C LYS A 190 18.18 3.72 0.77
N ALA A 191 19.22 3.55 -0.05
CA ALA A 191 19.40 2.30 -0.83
C ALA A 191 19.34 1.09 0.07
N ALA A 192 20.14 1.16 1.12
CA ALA A 192 20.31 0.05 2.04
C ALA A 192 19.11 -0.14 2.91
N LEU A 193 18.47 0.96 3.29
CA LEU A 193 17.27 0.86 4.11
C LEU A 193 16.25 -0.03 3.41
N GLU A 194 15.93 0.27 2.15
CA GLU A 194 14.97 -0.50 1.38
C GLU A 194 15.33 -1.98 1.25
N SER A 195 16.59 -2.27 0.98
CA SER A 195 17.08 -3.65 0.92
C SER A 195 17.05 -4.36 2.29
N ASP A 196 17.39 -3.63 3.35
CA ASP A 196 17.30 -4.21 4.69
C ASP A 196 15.86 -4.52 5.08
N THR A 197 14.92 -3.67 4.66
CA THR A 197 13.47 -3.92 4.88
C THR A 197 13.01 -5.30 4.35
N ARG A 198 13.40 -5.63 3.12
CA ARG A 198 13.18 -6.97 2.57
C ARG A 198 13.86 -8.03 3.41
N VAL A 199 15.08 -7.77 3.87
CA VAL A 199 15.80 -8.81 4.64
C VAL A 199 15.21 -8.99 6.03
N LEU A 200 14.94 -7.88 6.73
CA LEU A 200 14.30 -7.95 8.04
C LEU A 200 12.92 -8.56 7.93
N ALA A 201 12.22 -8.26 6.84
CA ALA A 201 10.92 -8.85 6.57
C ALA A 201 10.98 -10.36 6.69
N TYR A 202 12.04 -10.95 6.12
CA TYR A 202 12.19 -12.40 6.13
C TYR A 202 12.43 -12.94 7.53
N HIS A 203 13.39 -12.36 8.27
CA HIS A 203 13.71 -12.81 9.62
C HIS A 203 12.53 -12.54 10.60
N LEU A 204 12.05 -11.29 10.64
CA LEU A 204 10.94 -10.91 11.50
C LEU A 204 9.62 -11.62 11.17
N GLY A 205 9.49 -12.07 9.93
CA GLY A 205 8.28 -12.76 9.50
C GLY A 205 8.27 -14.21 9.94
N ARG A 206 9.37 -14.90 9.65
CA ARG A 206 9.47 -16.32 9.95
C ARG A 206 9.70 -16.58 11.43
N ASN A 207 10.49 -15.72 12.07
CA ASN A 207 10.86 -15.95 13.46
C ASN A 207 9.96 -15.29 14.52
N TYR A 208 9.11 -14.32 14.16
CA TYR A 208 8.18 -13.75 15.16
C TYR A 208 6.82 -13.35 14.63
N ASN A 209 6.61 -13.50 13.34
CA ASN A 209 5.36 -13.11 12.71
C ASN A 209 5.10 -11.61 12.85
N ILE A 210 6.16 -10.82 12.73
CA ILE A 210 6.07 -9.38 12.77
C ILE A 210 6.40 -8.83 11.38
N ARG A 211 5.62 -7.85 10.92
CA ARG A 211 5.81 -7.35 9.56
C ARG A 211 6.71 -6.12 9.55
N ILE A 212 7.27 -5.79 8.40
CA ILE A 212 7.99 -4.53 8.27
C ILE A 212 7.88 -4.01 6.82
N ASN A 213 7.60 -2.72 6.67
CA ASN A 213 7.53 -2.11 5.36
C ASN A 213 8.14 -0.74 5.45
N THR A 214 8.39 -0.12 4.30
CA THR A 214 8.87 1.27 4.28
C THR A 214 8.04 2.09 3.32
N ILE A 215 7.87 3.37 3.64
CA ILE A 215 7.04 4.26 2.84
C ILE A 215 7.96 5.22 2.16
N SER A 216 7.78 5.40 0.85
CA SER A 216 8.64 6.30 0.05
C SER A 216 7.96 7.64 -0.23
N ALA A 217 8.14 8.59 0.69
CA ALA A 217 7.41 9.86 0.69
C ALA A 217 7.95 10.90 -0.29
N GLY A 218 7.04 11.67 -0.88
CA GLY A 218 7.40 12.82 -1.72
C GLY A 218 7.92 13.94 -0.86
N PRO A 219 8.14 15.12 -1.43
CA PRO A 219 8.84 16.12 -0.64
C PRO A 219 7.91 16.83 0.34
N LEU A 220 8.47 17.21 1.47
CA LEU A 220 7.71 17.89 2.48
C LEU A 220 8.66 18.89 3.14
N LYS A 221 8.26 20.16 3.19
CA LYS A 221 9.11 21.22 3.73
C LYS A 221 9.22 21.04 5.24
N SER A 222 10.19 20.23 5.65
CA SER A 222 10.41 19.93 7.04
C SER A 222 11.70 20.61 7.48
N ARG A 223 11.96 20.54 8.78
CA ARG A 223 13.22 21.02 9.34
C ARG A 223 14.40 20.48 8.55
N ALA A 224 14.50 19.15 8.51
CA ALA A 224 15.63 18.46 7.88
C ALA A 224 15.79 18.74 6.38
N ALA A 225 14.66 18.88 5.69
CA ALA A 225 14.60 19.15 4.26
C ALA A 225 15.33 20.45 3.90
N THR A 226 15.17 21.45 4.76
CA THR A 226 15.78 22.76 4.60
C THR A 226 17.27 22.75 4.95
N ALA A 227 17.76 21.68 5.55
CA ALA A 227 19.19 21.54 5.89
C ALA A 227 20.03 21.25 4.63
N ILE A 228 19.40 20.63 3.63
CA ILE A 228 20.01 20.38 2.32
C ILE A 228 20.19 21.68 1.48
N ASN A 229 21.21 21.73 0.63
CA ASN A 229 21.36 22.81 -0.37
C ASN A 229 21.75 22.30 -1.77
N THR A 272 15.67 25.54 -0.23
CA THR A 272 16.04 25.64 -1.65
C THR A 272 15.76 24.32 -2.33
N PHE A 273 16.72 23.40 -2.24
CA PHE A 273 16.58 22.10 -2.88
C PHE A 273 15.16 21.56 -2.65
N ILE A 274 14.69 21.69 -1.41
CA ILE A 274 13.40 21.18 -1.03
C ILE A 274 12.25 22.04 -1.60
N ASP A 275 12.55 23.29 -1.94
CA ASP A 275 11.57 24.18 -2.58
C ASP A 275 11.40 23.83 -4.05
N TYR A 276 12.50 23.44 -4.69
CA TYR A 276 12.47 23.03 -6.06
C TYR A 276 11.70 21.73 -6.14
N ALA A 277 12.02 20.80 -5.23
CA ALA A 277 11.40 19.46 -5.21
C ALA A 277 9.90 19.51 -5.05
N ILE A 278 9.42 20.47 -4.25
CA ILE A 278 8.00 20.69 -4.02
C ILE A 278 7.28 21.31 -5.22
N GLU A 279 7.87 22.35 -5.82
CA GLU A 279 7.27 23.01 -7.00
C GLU A 279 7.17 22.05 -8.19
N TYR A 280 8.23 21.27 -8.38
CA TYR A 280 8.30 20.24 -9.43
C TYR A 280 7.23 19.16 -9.25
N SER A 281 7.13 18.66 -8.02
CA SER A 281 6.15 17.65 -7.65
C SER A 281 4.72 18.11 -7.94
N GLU A 282 4.33 19.26 -7.41
CA GLU A 282 2.97 19.80 -7.58
C GLU A 282 2.64 20.17 -9.04
N LYS A 283 3.67 20.31 -9.87
CA LYS A 283 3.49 20.65 -11.29
C LYS A 283 3.45 19.40 -12.20
N TYR A 284 4.26 18.40 -11.90
CA TYR A 284 4.38 17.26 -12.81
C TYR A 284 3.85 15.93 -12.33
N ALA A 285 3.47 15.84 -11.06
CA ALA A 285 2.89 14.61 -10.53
C ALA A 285 1.50 14.38 -11.13
N PRO A 286 1.13 13.10 -11.34
CA PRO A 286 -0.20 12.81 -11.92
C PRO A 286 -1.37 13.44 -11.13
N LEU A 287 -1.16 13.63 -9.82
CA LEU A 287 -2.13 14.34 -8.98
C LEU A 287 -1.58 15.70 -8.55
N ARG A 288 -2.24 16.78 -8.95
CA ARG A 288 -1.69 18.12 -8.66
C ARG A 288 -2.32 18.75 -7.40
N GLN A 289 -1.89 18.28 -6.24
CA GLN A 289 -2.44 18.76 -5.02
C GLN A 289 -1.27 18.74 -4.08
N LYS A 290 -1.39 19.41 -2.93
CA LYS A 290 -0.30 19.51 -1.96
C LYS A 290 -0.17 18.19 -1.20
N LEU A 291 1.04 17.62 -1.14
CA LEU A 291 1.21 16.44 -0.32
C LEU A 291 1.27 16.88 1.15
N LEU A 292 0.58 16.16 2.04
CA LEU A 292 0.59 16.52 3.46
C LEU A 292 1.22 15.42 4.31
N SER A 293 1.90 15.80 5.41
CA SER A 293 2.40 14.76 6.34
C SER A 293 1.31 13.75 6.71
N THR A 294 0.05 14.19 6.76
CA THR A 294 -1.05 13.30 7.09
C THR A 294 -1.43 12.38 5.92
N ASP A 295 -1.00 12.74 4.71
CA ASP A 295 -1.15 11.84 3.57
C ASP A 295 -0.35 10.58 3.93
N ILE A 296 0.96 10.70 4.06
CA ILE A 296 1.82 9.61 4.55
C ILE A 296 1.27 8.98 5.86
N GLY A 297 0.77 9.83 6.77
CA GLY A 297 0.27 9.38 8.05
C GLY A 297 -0.75 8.26 7.93
N SER A 298 -1.76 8.47 7.10
CA SER A 298 -2.84 7.51 6.97
C SER A 298 -2.35 6.19 6.41
N VAL A 299 -1.43 6.26 5.46
CA VAL A 299 -0.79 5.05 4.87
C VAL A 299 -0.11 4.30 6.00
N ALA A 300 0.72 5.02 6.76
CA ALA A 300 1.40 4.42 7.91
C ALA A 300 0.40 3.69 8.85
N SER A 301 -0.74 4.32 9.09
CA SER A 301 -1.73 3.77 10.00
C SER A 301 -2.35 2.49 9.46
N PHE A 302 -2.66 2.49 8.18
CA PHE A 302 -3.15 1.28 7.56
C PHE A 302 -2.04 0.23 7.51
N LEU A 303 -0.82 0.69 7.25
CA LEU A 303 0.33 -0.20 7.21
C LEU A 303 0.59 -0.78 8.58
N LEU A 304 0.16 -0.07 9.63
CA LEU A 304 0.44 -0.46 11.01
C LEU A 304 -0.69 -1.28 11.67
N SER A 305 -1.74 -1.52 10.90
CA SER A 305 -2.93 -2.15 11.42
C SER A 305 -3.01 -3.58 10.97
N ARG A 306 -3.94 -4.32 11.58
CA ARG A 306 -4.28 -5.69 11.14
C ARG A 306 -4.77 -5.73 9.67
N GLU A 307 -5.14 -4.55 9.16
CA GLU A 307 -5.76 -4.37 7.86
C GLU A 307 -4.84 -4.64 6.68
N SER A 308 -3.55 -4.75 6.95
CA SER A 308 -2.49 -4.98 5.96
C SER A 308 -1.67 -6.24 6.30
N ARG A 309 -2.30 -7.16 7.02
CA ARG A 309 -1.77 -8.46 7.47
C ARG A 309 -0.94 -9.22 6.42
N ALA A 310 -1.35 -9.10 5.15
CA ALA A 310 -0.73 -9.81 4.03
C ALA A 310 0.39 -9.02 3.32
N ILE A 311 0.68 -7.81 3.80
CA ILE A 311 1.77 -7.03 3.24
C ILE A 311 3.03 -7.03 4.14
N THR A 312 4.18 -7.40 3.56
CA THR A 312 5.45 -7.18 4.24
C THR A 312 6.62 -7.04 3.27
N GLY A 313 7.67 -6.39 3.75
CA GLY A 313 8.95 -6.29 3.01
C GLY A 313 8.89 -5.36 1.82
N GLN A 314 7.86 -4.53 1.82
CA GLN A 314 7.59 -3.65 0.69
C GLN A 314 8.04 -2.20 0.85
N THR A 315 8.31 -1.59 -0.29
CA THR A 315 8.40 -0.16 -0.44
C THR A 315 7.09 0.28 -1.12
N ILE A 316 6.39 1.22 -0.47
CA ILE A 316 5.10 1.74 -0.93
C ILE A 316 5.25 3.23 -1.18
N TYR A 317 4.86 3.68 -2.37
CA TYR A 317 5.04 5.07 -2.72
C TYR A 317 3.82 5.87 -2.33
N VAL A 318 4.12 6.98 -1.64
CA VAL A 318 3.13 7.95 -1.21
C VAL A 318 3.65 9.29 -1.68
N ASP A 319 3.41 9.62 -2.95
CA ASP A 319 4.15 10.70 -3.56
C ASP A 319 3.36 11.36 -4.66
N ASN A 320 2.03 11.19 -4.64
CA ASN A 320 1.10 11.70 -5.71
C ASN A 320 1.39 11.19 -7.09
N GLY A 321 2.08 10.06 -7.18
CA GLY A 321 2.37 9.38 -8.44
C GLY A 321 3.63 9.85 -9.15
N LEU A 322 4.33 10.81 -8.56
CA LEU A 322 5.56 11.30 -9.16
C LEU A 322 6.49 10.20 -9.71
N ASN A 323 6.70 9.12 -8.96
CA ASN A 323 7.69 8.14 -9.37
C ASN A 323 7.43 7.46 -10.70
N ILE A 324 6.17 7.43 -11.12
CA ILE A 324 5.81 6.80 -12.39
C ILE A 324 6.19 7.59 -13.67
N MET A 325 6.49 8.88 -13.54
CA MET A 325 6.80 9.76 -14.68
C MET A 325 8.20 9.56 -15.21
N PHE A 326 8.38 9.77 -16.52
CA PHE A 326 9.69 9.75 -17.14
C PHE A 326 10.05 11.13 -17.68
N LEU A 327 9.49 11.49 -18.85
CA LEU A 327 9.62 12.84 -19.43
C LEU A 327 8.54 13.73 -18.84
N PRO A 328 8.92 14.88 -18.22
CA PRO A 328 7.91 15.88 -17.82
C PRO A 328 7.21 16.48 -19.04
N ASP A 329 5.87 16.45 -19.01
CA ASP A 329 5.01 16.86 -20.12
C ASP A 329 4.89 18.38 -20.20
N ASN B 1 -21.19 7.93 3.54
CA ASN B 1 -22.58 7.85 3.00
C ASN B 1 -22.63 8.10 1.48
N GLU B 2 -23.08 7.09 0.73
CA GLU B 2 -23.12 7.17 -0.73
C GLU B 2 -21.82 6.69 -1.39
N ASP B 3 -21.17 5.72 -0.76
CA ASP B 3 -20.01 5.11 -1.38
C ASP B 3 -20.48 3.87 -2.11
N ILE B 4 -20.63 4.01 -3.42
CA ILE B 4 -21.03 2.92 -4.31
C ILE B 4 -19.82 2.43 -5.12
N CYS B 5 -19.70 1.10 -5.21
CA CYS B 5 -18.59 0.44 -5.90
C CYS B 5 -19.09 -0.57 -6.94
N PHE B 6 -18.61 -0.46 -8.17
CA PHE B 6 -18.92 -1.48 -9.17
C PHE B 6 -17.79 -2.50 -9.26
N ILE B 7 -18.14 -3.78 -9.06
CA ILE B 7 -17.18 -4.89 -9.12
C ILE B 7 -17.37 -5.75 -10.35
N ALA B 8 -16.40 -5.68 -11.26
CA ALA B 8 -16.43 -6.37 -12.55
C ALA B 8 -15.66 -7.69 -12.47
N GLY B 9 -16.37 -8.81 -12.52
CA GLY B 9 -15.69 -10.10 -12.41
C GLY B 9 -16.04 -10.90 -11.17
N ILE B 10 -17.33 -11.23 -11.03
CA ILE B 10 -17.77 -12.11 -9.97
C ILE B 10 -18.51 -13.31 -10.60
N GLY B 11 -18.20 -14.51 -10.11
CA GLY B 11 -18.82 -15.73 -10.60
C GLY B 11 -19.29 -16.65 -9.48
N ASP B 12 -18.69 -16.51 -8.31
CA ASP B 12 -19.01 -17.34 -7.16
C ASP B 12 -18.43 -16.67 -5.96
N THR B 13 -18.38 -17.37 -4.83
CA THR B 13 -17.88 -16.78 -3.59
C THR B 13 -16.47 -17.23 -3.24
N ASN B 14 -15.79 -17.87 -4.20
CA ASN B 14 -14.45 -18.43 -3.98
C ASN B 14 -13.36 -17.56 -4.59
N GLY B 15 -13.73 -16.36 -5.00
CA GLY B 15 -12.84 -15.51 -5.78
C GLY B 15 -12.42 -14.26 -5.04
N TYR B 16 -11.53 -13.50 -5.68
CA TYR B 16 -11.04 -12.25 -5.10
C TYR B 16 -12.13 -11.20 -5.18
N GLY B 17 -12.87 -11.18 -6.29
CA GLY B 17 -14.10 -10.39 -6.36
C GLY B 17 -14.98 -10.46 -5.10
N TRP B 18 -15.10 -11.65 -4.50
CA TRP B 18 -15.93 -11.82 -3.33
C TRP B 18 -15.26 -11.27 -2.06
N GLY B 19 -13.95 -11.50 -1.93
CA GLY B 19 -13.18 -10.97 -0.82
C GLY B 19 -13.27 -9.46 -0.80
N ILE B 20 -13.24 -8.86 -1.97
CA ILE B 20 -13.34 -7.42 -2.08
C ILE B 20 -14.70 -6.95 -1.64
N ALA B 21 -15.74 -7.59 -2.18
CA ALA B 21 -17.12 -7.34 -1.82
C ALA B 21 -17.36 -7.38 -0.30
N LYS B 22 -16.95 -8.47 0.34
CA LYS B 22 -17.06 -8.62 1.79
C LYS B 22 -16.44 -7.47 2.53
N GLU B 23 -15.12 -7.32 2.39
CA GLU B 23 -14.40 -6.27 3.13
C GLU B 23 -14.96 -4.85 2.87
N LEU B 24 -15.50 -4.64 1.68
CA LEU B 24 -16.04 -3.34 1.38
C LEU B 24 -17.34 -3.11 2.12
N SER B 25 -18.08 -4.19 2.36
CA SER B 25 -19.28 -4.13 3.17
C SER B 25 -19.02 -3.65 4.58
N LYS B 26 -18.01 -4.21 5.26
CA LYS B 26 -17.60 -3.72 6.58
C LYS B 26 -17.45 -2.20 6.69
N ARG B 27 -17.14 -1.54 5.57
CA ARG B 27 -17.03 -0.09 5.55
C ARG B 27 -18.37 0.60 5.22
N ASN B 28 -19.43 -0.19 5.13
CA ASN B 28 -20.77 0.30 4.80
C ASN B 28 -20.82 0.90 3.41
N VAL B 29 -20.15 0.25 2.47
CA VAL B 29 -20.17 0.68 1.06
C VAL B 29 -21.26 -0.10 0.35
N LYS B 30 -21.98 0.56 -0.55
CA LYS B 30 -22.99 -0.12 -1.39
C LYS B 30 -22.33 -0.84 -2.57
N ILE B 31 -22.60 -2.15 -2.73
CA ILE B 31 -22.01 -2.93 -3.87
C ILE B 31 -22.92 -3.21 -5.09
N ILE B 32 -22.34 -3.16 -6.29
CA ILE B 32 -23.01 -3.55 -7.55
C ILE B 32 -22.21 -4.62 -8.33
N PHE B 33 -22.74 -5.84 -8.41
CA PHE B 33 -22.03 -6.94 -9.07
C PHE B 33 -22.15 -6.93 -10.60
N GLY B 34 -21.02 -7.17 -11.26
CA GLY B 34 -20.94 -7.29 -12.72
C GLY B 34 -20.57 -8.71 -13.12
N ILE B 35 -21.56 -9.45 -13.61
CA ILE B 35 -21.44 -10.91 -13.78
C ILE B 35 -21.52 -11.38 -15.22
N TRP B 36 -20.47 -12.08 -15.64
CA TRP B 36 -20.33 -12.65 -16.97
C TRP B 36 -21.56 -13.49 -17.31
N PRO B 37 -22.22 -13.19 -18.46
CA PRO B 37 -23.47 -13.90 -18.78
C PRO B 37 -23.36 -15.45 -18.85
N PRO B 38 -22.17 -16.00 -19.25
CA PRO B 38 -22.07 -17.46 -19.22
C PRO B 38 -22.34 -18.09 -17.85
N VAL B 39 -22.34 -17.28 -16.79
CA VAL B 39 -22.59 -17.80 -15.44
C VAL B 39 -23.62 -16.98 -14.67
N TYR B 40 -24.15 -15.95 -15.32
CA TYR B 40 -25.16 -15.08 -14.71
C TYR B 40 -26.44 -15.72 -14.13
N ASN B 41 -27.11 -16.60 -14.90
CA ASN B 41 -28.36 -17.28 -14.46
C ASN B 41 -28.13 -18.25 -13.32
N ILE B 42 -27.05 -19.01 -13.41
CA ILE B 42 -26.64 -19.97 -12.38
C ILE B 42 -26.17 -19.26 -11.10
N PHE B 43 -25.67 -18.03 -11.22
CA PHE B 43 -25.32 -17.25 -10.05
C PHE B 43 -26.60 -16.80 -9.34
N MET B 44 -27.62 -16.46 -10.12
CA MET B 44 -28.85 -15.87 -9.58
C MET B 44 -29.69 -16.87 -8.81
N LYS B 45 -29.90 -18.04 -9.41
CA LYS B 45 -30.56 -19.14 -8.73
C LYS B 45 -29.84 -19.44 -7.41
N ASN B 46 -28.57 -19.83 -7.48
CA ASN B 46 -27.74 -20.03 -6.27
C ASN B 46 -27.97 -18.99 -5.18
N TYR B 47 -27.87 -17.71 -5.57
CA TYR B 47 -28.09 -16.60 -4.64
C TYR B 47 -29.51 -16.60 -4.07
N LYS B 48 -30.51 -16.64 -4.95
CA LYS B 48 -31.93 -16.57 -4.56
C LYS B 48 -32.30 -17.71 -3.62
N ASN B 49 -31.74 -18.89 -3.87
CA ASN B 49 -31.95 -20.06 -3.01
C ASN B 49 -31.06 -20.00 -1.77
N GLY B 50 -30.44 -18.85 -1.54
CA GLY B 50 -29.60 -18.61 -0.35
C GLY B 50 -28.47 -19.61 -0.12
N LYS B 51 -27.73 -19.93 -1.18
CA LYS B 51 -26.58 -20.84 -1.08
C LYS B 51 -25.30 -20.08 -0.72
N PHE B 52 -25.37 -18.75 -0.79
CA PHE B 52 -24.24 -17.92 -0.42
C PHE B 52 -24.49 -17.31 0.96
N ASP B 53 -25.51 -17.82 1.63
CA ASP B 53 -25.97 -17.27 2.89
C ASP B 53 -24.87 -17.19 3.92
N ASN B 54 -24.14 -18.28 4.08
CA ASN B 54 -23.06 -18.37 5.06
C ASN B 54 -21.83 -17.54 4.67
N ASP B 55 -21.71 -17.23 3.37
CA ASP B 55 -20.59 -16.41 2.86
C ASP B 55 -20.95 -14.93 2.81
N MET B 56 -22.22 -14.60 2.95
CA MET B 56 -22.65 -13.21 3.06
C MET B 56 -22.45 -12.66 4.47
N ILE B 57 -21.96 -13.52 5.35
CA ILE B 57 -21.87 -13.26 6.80
C ILE B 57 -20.60 -12.55 7.24
N ILE B 58 -20.79 -11.40 7.86
CA ILE B 58 -19.72 -10.54 8.31
C ILE B 58 -19.85 -10.31 9.81
N ASP B 59 -18.72 -10.40 10.53
CA ASP B 59 -18.63 -9.99 11.95
C ASP B 59 -19.71 -10.68 12.81
N LYS B 60 -20.38 -9.91 13.69
CA LYS B 60 -21.45 -10.42 14.56
C LYS B 60 -22.84 -10.05 14.04
N ASP B 61 -23.46 -10.98 13.33
CA ASP B 61 -24.80 -10.79 12.77
C ASP B 61 -24.99 -9.96 11.50
N LYS B 62 -23.95 -9.20 11.10
CA LYS B 62 -24.06 -8.26 9.95
C LYS B 62 -24.01 -8.97 8.57
N LYS B 63 -24.85 -8.51 7.65
CA LYS B 63 -24.97 -9.13 6.32
C LYS B 63 -24.31 -8.29 5.21
N MET B 64 -24.29 -8.85 4.00
CA MET B 64 -23.69 -8.15 2.87
C MET B 64 -24.71 -7.24 2.15
N ASN B 65 -24.35 -5.98 2.00
CA ASN B 65 -25.21 -4.99 1.32
C ASN B 65 -25.01 -4.96 -0.21
N ILE B 66 -25.58 -5.98 -0.87
CA ILE B 66 -25.52 -6.07 -2.33
C ILE B 66 -26.66 -5.27 -2.94
N LEU B 67 -26.36 -4.14 -3.57
CA LEU B 67 -27.38 -3.22 -4.06
C LEU B 67 -28.11 -3.72 -5.31
N ASP B 68 -27.37 -4.36 -6.20
CA ASP B 68 -27.92 -4.79 -7.45
C ASP B 68 -26.93 -5.76 -8.02
N MET B 69 -27.36 -6.61 -8.97
CA MET B 69 -26.46 -7.51 -9.70
C MET B 69 -26.76 -7.56 -11.21
N LEU B 70 -25.75 -7.22 -12.01
CA LEU B 70 -25.93 -6.97 -13.44
C LEU B 70 -25.10 -7.86 -14.40
N PRO B 71 -25.74 -8.40 -15.45
CA PRO B 71 -24.97 -9.16 -16.42
C PRO B 71 -23.95 -8.22 -17.01
N PHE B 72 -22.75 -8.72 -17.25
CA PHE B 72 -21.69 -7.85 -17.75
C PHE B 72 -20.60 -8.62 -18.50
N ASP B 73 -20.27 -8.14 -19.71
CA ASP B 73 -19.23 -8.78 -20.51
C ASP B 73 -18.26 -7.72 -20.99
N ALA B 74 -17.04 -7.85 -20.43
CA ALA B 74 -15.89 -6.99 -20.65
C ALA B 74 -15.28 -7.11 -22.06
N SER B 75 -15.88 -7.92 -22.93
CA SER B 75 -15.42 -8.09 -24.32
C SER B 75 -15.97 -7.00 -25.23
N PHE B 76 -17.16 -6.51 -24.90
CA PHE B 76 -17.87 -5.54 -25.72
C PHE B 76 -17.95 -4.19 -25.07
N ASP B 77 -17.50 -3.19 -25.81
CA ASP B 77 -17.41 -1.85 -25.28
C ASP B 77 -18.80 -1.22 -25.39
N THR B 78 -19.46 -1.43 -26.53
CA THR B 78 -20.78 -0.83 -26.80
C THR B 78 -21.60 -1.85 -27.55
N ALA B 79 -22.91 -1.62 -27.60
CA ALA B 79 -23.87 -2.49 -28.31
C ALA B 79 -23.52 -2.83 -29.76
N ASN B 80 -22.78 -1.95 -30.43
CA ASN B 80 -22.40 -2.20 -31.81
C ASN B 80 -21.24 -3.21 -31.95
N ASP B 81 -20.44 -3.39 -30.89
CA ASP B 81 -19.35 -4.34 -30.92
C ASP B 81 -19.84 -5.79 -30.90
N ILE B 82 -21.08 -6.02 -30.48
CA ILE B 82 -21.65 -7.36 -30.35
C ILE B 82 -21.97 -8.03 -31.69
N ASP B 83 -21.30 -9.16 -31.95
CA ASP B 83 -21.50 -9.99 -33.14
C ASP B 83 -22.83 -10.74 -33.11
N GLU B 84 -23.39 -11.03 -34.30
CA GLU B 84 -24.72 -11.67 -34.42
C GLU B 84 -24.86 -12.99 -33.64
N GLU B 85 -23.81 -13.82 -33.66
CA GLU B 85 -23.85 -15.12 -32.98
C GLU B 85 -24.07 -14.92 -31.51
N THR B 86 -23.28 -14.04 -30.89
CA THR B 86 -23.36 -13.88 -29.44
C THR B 86 -24.72 -13.35 -29.00
N LYS B 87 -25.20 -12.27 -29.64
CA LYS B 87 -26.57 -11.77 -29.44
C LYS B 87 -27.62 -12.90 -29.55
N ASN B 88 -27.39 -13.87 -30.43
CA ASN B 88 -28.34 -14.98 -30.59
C ASN B 88 -28.08 -16.19 -29.66
N ASN B 89 -26.86 -16.31 -29.14
CA ASN B 89 -26.43 -17.45 -28.31
C ASN B 89 -27.37 -17.64 -27.13
N LYS B 90 -27.62 -18.91 -26.79
CA LYS B 90 -28.56 -19.29 -25.74
C LYS B 90 -28.43 -18.47 -24.47
N ARG B 91 -27.22 -18.40 -23.90
CA ARG B 91 -27.01 -17.63 -22.65
C ARG B 91 -27.00 -16.09 -22.74
N TYR B 92 -26.98 -15.54 -23.95
CA TYR B 92 -27.10 -14.09 -24.15
C TYR B 92 -28.51 -13.63 -24.63
N ASN B 93 -29.24 -14.47 -25.37
CA ASN B 93 -30.54 -14.02 -25.94
C ASN B 93 -31.44 -13.24 -24.97
N MET B 94 -31.59 -13.71 -23.75
CA MET B 94 -32.53 -13.12 -22.81
C MET B 94 -32.08 -11.82 -22.14
N LEU B 95 -30.82 -11.43 -22.32
CA LEU B 95 -30.23 -10.37 -21.48
C LEU B 95 -29.98 -9.04 -22.20
N GLN B 96 -30.12 -7.94 -21.46
CA GLN B 96 -30.02 -6.59 -22.02
C GLN B 96 -28.88 -5.78 -21.36
N ASN B 97 -28.33 -4.81 -22.10
CA ASN B 97 -27.43 -3.78 -21.53
C ASN B 97 -26.22 -4.30 -20.75
N TYR B 98 -25.39 -5.11 -21.39
CA TYR B 98 -24.34 -5.86 -20.67
C TYR B 98 -22.92 -5.52 -21.14
N THR B 99 -22.85 -4.69 -22.19
CA THR B 99 -21.62 -4.08 -22.70
C THR B 99 -21.10 -3.08 -21.67
N ILE B 100 -19.84 -2.66 -21.82
CA ILE B 100 -19.21 -1.73 -20.92
C ILE B 100 -19.97 -0.40 -20.85
N GLU B 101 -20.50 0.04 -21.99
CA GLU B 101 -21.17 1.34 -22.07
C GLU B 101 -22.56 1.25 -21.46
N ASP B 102 -23.32 0.21 -21.80
CA ASP B 102 -24.70 0.10 -21.32
C ASP B 102 -24.69 -0.05 -19.82
N VAL B 103 -23.76 -0.83 -19.30
CA VAL B 103 -23.58 -1.02 -17.86
C VAL B 103 -23.25 0.29 -17.15
N ALA B 104 -22.31 1.07 -17.68
CA ALA B 104 -22.05 2.43 -17.19
C ALA B 104 -23.31 3.31 -17.14
N ASN B 105 -24.08 3.38 -18.25
CA ASN B 105 -25.33 4.19 -18.33
C ASN B 105 -26.43 3.74 -17.41
N LEU B 106 -26.60 2.42 -17.38
CA LEU B 106 -27.64 1.86 -16.57
C LEU B 106 -27.35 2.16 -15.09
N ILE B 107 -26.09 2.00 -14.67
CA ILE B 107 -25.66 2.33 -13.30
C ILE B 107 -25.97 3.80 -12.96
N HIS B 108 -25.67 4.69 -13.91
CA HIS B 108 -25.91 6.12 -13.76
C HIS B 108 -27.40 6.46 -13.66
N GLN B 109 -28.20 6.02 -14.64
CA GLN B 109 -29.64 6.21 -14.60
C GLN B 109 -30.27 5.65 -13.32
N LYS B 110 -29.95 4.40 -13.00
CA LYS B 110 -30.51 3.77 -11.80
C LYS B 110 -30.03 4.38 -10.49
N TYR B 111 -28.75 4.74 -10.40
CA TYR B 111 -28.16 5.11 -9.10
C TYR B 111 -27.36 6.42 -9.01
N GLY B 112 -27.14 7.08 -10.14
CA GLY B 112 -26.28 8.27 -10.15
C GLY B 112 -24.79 7.92 -10.20
N LYS B 113 -23.94 8.94 -10.04
CA LYS B 113 -22.49 8.76 -10.19
C LYS B 113 -21.96 7.93 -9.02
N ILE B 114 -20.94 7.11 -9.27
CA ILE B 114 -20.36 6.32 -8.17
C ILE B 114 -18.98 6.86 -7.82
N ASN B 115 -18.27 6.17 -6.93
CA ASN B 115 -16.95 6.64 -6.54
C ASN B 115 -15.90 5.54 -6.43
N MET B 116 -16.26 4.31 -6.80
CA MET B 116 -15.33 3.19 -6.69
C MET B 116 -15.58 2.21 -7.82
N LEU B 117 -14.48 1.72 -8.40
CA LEU B 117 -14.44 0.74 -9.50
C LEU B 117 -13.44 -0.39 -9.30
N VAL B 118 -13.93 -1.63 -9.25
CA VAL B 118 -13.04 -2.78 -9.20
C VAL B 118 -13.02 -3.57 -10.52
N HIS B 119 -11.82 -3.72 -11.10
CA HIS B 119 -11.57 -4.59 -12.24
C HIS B 119 -11.00 -5.92 -11.75
N SER B 120 -11.82 -6.97 -11.81
CA SER B 120 -11.48 -8.24 -11.18
C SER B 120 -11.76 -9.42 -12.09
N LEU B 121 -11.13 -9.44 -13.24
CA LEU B 121 -11.47 -10.42 -14.24
C LEU B 121 -10.28 -10.70 -15.11
N ALA B 122 -10.23 -11.91 -15.66
CA ALA B 122 -9.18 -12.33 -16.55
C ALA B 122 -9.69 -13.47 -17.45
N ASN B 123 -9.10 -13.57 -18.66
CA ASN B 123 -9.46 -14.59 -19.62
C ASN B 123 -8.38 -14.88 -20.63
N ALA B 124 -8.23 -16.15 -20.96
CA ALA B 124 -7.22 -16.57 -21.91
C ALA B 124 -7.62 -17.93 -22.49
N LYS B 125 -7.87 -17.97 -23.79
CA LYS B 125 -8.30 -19.20 -24.43
C LYS B 125 -7.25 -20.29 -24.28
N GLU B 126 -5.98 -19.90 -24.27
CA GLU B 126 -4.93 -20.89 -24.40
C GLU B 126 -4.02 -20.93 -23.17
N VAL B 127 -4.64 -20.82 -21.99
CA VAL B 127 -3.90 -20.66 -20.76
C VAL B 127 -3.05 -21.89 -20.48
N GLN B 128 -3.52 -23.05 -20.93
CA GLN B 128 -2.77 -24.27 -20.72
C GLN B 128 -1.53 -24.37 -21.62
N LYS B 129 -1.47 -23.53 -22.66
CA LYS B 129 -0.38 -23.60 -23.62
C LYS B 129 0.67 -22.57 -23.23
N ASP B 130 1.90 -23.07 -23.02
CA ASP B 130 3.01 -22.18 -22.74
C ASP B 130 3.17 -21.16 -23.88
N LEU B 131 3.72 -20.00 -23.51
CA LEU B 131 3.72 -18.80 -24.35
C LEU B 131 4.18 -19.06 -25.78
N LEU B 132 5.30 -19.75 -25.92
CA LEU B 132 5.88 -20.04 -27.24
C LEU B 132 4.89 -20.76 -28.14
N ASN B 133 3.98 -21.52 -27.54
CA ASN B 133 3.06 -22.33 -28.31
C ASN B 133 1.65 -21.73 -28.45
N THR B 134 1.55 -20.46 -28.04
CA THR B 134 0.32 -19.69 -28.09
C THR B 134 0.16 -19.10 -29.49
N SER B 135 -1.01 -19.33 -30.10
CA SER B 135 -1.37 -18.79 -31.41
C SER B 135 -1.70 -17.30 -31.31
N ARG B 136 -1.49 -16.57 -32.40
CA ARG B 136 -1.80 -15.14 -32.43
C ARG B 136 -3.22 -14.84 -31.89
N LYS B 137 -4.24 -15.61 -32.29
CA LYS B 137 -5.61 -15.41 -31.75
C LYS B 137 -5.68 -15.46 -30.19
N GLY B 138 -5.13 -16.53 -29.59
CA GLY B 138 -5.15 -16.71 -28.14
C GLY B 138 -4.50 -15.56 -27.37
N TYR B 139 -3.28 -15.20 -27.79
CA TYR B 139 -2.57 -14.01 -27.31
C TYR B 139 -3.51 -12.80 -27.27
N LEU B 140 -4.10 -12.48 -28.41
CA LEU B 140 -4.86 -11.23 -28.53
C LEU B 140 -6.12 -11.30 -27.72
N ASP B 141 -6.69 -12.50 -27.67
CA ASP B 141 -7.82 -12.83 -26.80
C ASP B 141 -7.49 -12.42 -25.38
N ALA B 142 -6.42 -13.01 -24.84
CA ALA B 142 -5.96 -12.77 -23.47
C ALA B 142 -5.69 -11.28 -23.21
N LEU B 143 -4.96 -10.65 -24.13
CA LEU B 143 -4.76 -9.22 -24.04
C LEU B 143 -6.09 -8.45 -24.05
N SER B 144 -6.99 -8.80 -24.97
CA SER B 144 -8.28 -8.09 -25.08
C SER B 144 -9.13 -8.09 -23.79
N LYS B 145 -9.30 -9.28 -23.25
CA LYS B 145 -10.20 -9.53 -22.15
C LYS B 145 -9.60 -9.23 -20.79
N SER B 146 -8.28 -9.40 -20.63
CA SER B 146 -7.63 -9.14 -19.33
C SER B 146 -6.98 -7.78 -19.17
N SER B 147 -6.57 -7.17 -20.28
CA SER B 147 -5.80 -5.92 -20.23
C SER B 147 -6.57 -4.76 -20.83
N TYR B 148 -7.22 -4.99 -21.97
CA TYR B 148 -7.91 -3.90 -22.61
C TYR B 148 -9.19 -3.52 -21.85
N SER B 149 -9.83 -4.51 -21.26
CA SER B 149 -11.07 -4.25 -20.58
C SER B 149 -10.89 -3.14 -19.55
N LEU B 150 -9.75 -3.11 -18.85
CA LEU B 150 -9.52 -2.10 -17.82
C LEU B 150 -9.52 -0.72 -18.48
N ILE B 151 -8.68 -0.54 -19.51
CA ILE B 151 -8.67 0.68 -20.28
C ILE B 151 -10.10 1.15 -20.59
N SER B 152 -10.94 0.26 -21.12
CA SER B 152 -12.28 0.64 -21.50
C SER B 152 -13.13 0.97 -20.30
N LEU B 153 -13.15 0.06 -19.32
CA LEU B 153 -13.86 0.30 -18.08
C LEU B 153 -13.61 1.72 -17.59
N CYS B 154 -12.34 2.16 -17.69
CA CYS B 154 -12.01 3.56 -17.42
C CYS B 154 -12.70 4.53 -18.36
N LYS B 155 -12.55 4.32 -19.67
CA LYS B 155 -13.09 5.24 -20.66
C LYS B 155 -14.57 5.53 -20.42
N TYR B 156 -15.35 4.49 -20.13
CA TYR B 156 -16.78 4.71 -20.03
C TYR B 156 -17.24 5.07 -18.63
N PHE B 157 -16.44 4.73 -17.63
CA PHE B 157 -16.84 4.91 -16.26
C PHE B 157 -16.37 6.19 -15.62
N VAL B 158 -15.36 6.86 -16.19
CA VAL B 158 -15.01 8.23 -15.71
C VAL B 158 -16.18 9.20 -15.82
N ASN B 159 -16.99 9.02 -16.86
CA ASN B 159 -18.20 9.80 -17.06
C ASN B 159 -19.15 9.75 -15.87
N ILE B 160 -19.31 8.59 -15.26
CA ILE B 160 -20.25 8.41 -14.15
C ILE B 160 -19.54 8.30 -12.80
N MET B 161 -18.33 8.85 -12.71
CA MET B 161 -17.60 8.85 -11.45
C MET B 161 -17.26 10.24 -10.96
N LYS B 162 -17.32 10.42 -9.64
CA LYS B 162 -17.04 11.70 -8.99
C LYS B 162 -15.53 11.94 -8.95
N PRO B 163 -15.08 13.21 -8.96
CA PRO B 163 -13.66 13.40 -8.64
C PRO B 163 -13.29 12.75 -7.31
N GLN B 164 -12.00 12.45 -7.13
CA GLN B 164 -11.52 11.77 -5.93
C GLN B 164 -12.02 10.31 -5.77
N SER B 165 -12.44 9.72 -6.88
CA SER B 165 -12.82 8.32 -6.91
C SER B 165 -11.55 7.52 -7.08
N SER B 166 -11.65 6.20 -6.94
CA SER B 166 -10.50 5.32 -6.95
C SER B 166 -10.88 4.08 -7.75
N ILE B 167 -9.91 3.51 -8.46
CA ILE B 167 -10.08 2.34 -9.30
C ILE B 167 -8.94 1.36 -9.02
N ILE B 168 -9.24 0.08 -8.83
CA ILE B 168 -8.19 -0.94 -8.70
C ILE B 168 -8.39 -2.11 -9.65
N SER B 169 -7.30 -2.82 -9.93
CA SER B 169 -7.33 -4.11 -10.62
C SER B 169 -6.37 -5.07 -9.93
N LEU B 170 -6.35 -6.31 -10.41
CA LEU B 170 -5.51 -7.35 -9.84
C LEU B 170 -4.54 -7.96 -10.83
N THR B 171 -3.30 -8.10 -10.38
CA THR B 171 -2.25 -8.63 -11.24
C THR B 171 -1.53 -9.77 -10.53
N TYR B 172 -0.60 -10.39 -11.26
CA TYR B 172 0.14 -11.53 -10.76
C TYR B 172 1.62 -11.44 -11.14
N HIS B 173 2.47 -11.72 -10.13
CA HIS B 173 3.92 -11.51 -10.21
C HIS B 173 4.56 -12.02 -11.47
N ALA B 174 3.94 -13.01 -12.11
CA ALA B 174 4.48 -13.55 -13.36
C ALA B 174 4.83 -12.50 -14.44
N SER B 175 4.21 -11.33 -14.38
CA SER B 175 4.57 -10.23 -15.26
C SER B 175 6.03 -9.81 -15.10
N GLN B 176 6.50 -9.85 -13.85
CA GLN B 176 7.86 -9.45 -13.55
C GLN B 176 8.87 -10.61 -13.56
N LYS B 177 8.45 -11.77 -13.07
CA LYS B 177 9.36 -12.89 -13.00
C LYS B 177 8.73 -14.15 -13.60
N VAL B 178 9.59 -15.01 -14.15
CA VAL B 178 9.15 -16.21 -14.83
C VAL B 178 8.45 -17.24 -13.95
N VAL B 179 7.20 -17.53 -14.30
CA VAL B 179 6.37 -18.53 -13.64
C VAL B 179 5.86 -19.55 -14.65
N PRO B 180 6.48 -20.74 -14.68
CA PRO B 180 6.04 -21.77 -15.60
C PRO B 180 4.63 -22.12 -15.22
N GLY B 181 3.79 -22.41 -16.22
CA GLY B 181 2.41 -22.73 -15.93
C GLY B 181 1.50 -21.59 -16.25
N TYR B 182 1.99 -20.36 -16.17
CA TYR B 182 1.17 -19.19 -16.48
C TYR B 182 1.27 -18.82 -17.97
N GLY B 183 0.49 -19.53 -18.78
CA GLY B 183 0.58 -19.38 -20.23
C GLY B 183 -0.64 -18.71 -20.80
N GLY B 184 -0.80 -18.86 -22.11
CA GLY B 184 -1.82 -18.12 -22.84
C GLY B 184 -1.48 -16.69 -23.22
N GLY B 185 -0.32 -16.21 -22.82
CA GLY B 185 -0.08 -14.77 -22.89
C GLY B 185 -0.62 -14.03 -21.68
N MET B 186 -1.02 -14.77 -20.64
CA MET B 186 -1.49 -14.14 -19.43
C MET B 186 -0.39 -13.26 -18.84
N SER B 187 0.82 -13.80 -18.74
CA SER B 187 1.94 -13.02 -18.27
C SER B 187 2.11 -11.76 -19.11
N SER B 188 1.77 -11.88 -20.39
CA SER B 188 1.82 -10.74 -21.26
C SER B 188 0.70 -9.74 -20.89
N ALA B 189 -0.48 -10.26 -20.61
CA ALA B 189 -1.59 -9.41 -20.22
C ALA B 189 -1.29 -8.73 -18.91
N LYS B 190 -0.60 -9.42 -18.02
CA LYS B 190 -0.29 -8.87 -16.69
C LYS B 190 0.71 -7.73 -16.77
N ALA B 191 1.72 -7.92 -17.57
CA ALA B 191 2.70 -6.89 -17.82
C ALA B 191 2.04 -5.69 -18.42
N ALA B 192 1.15 -5.94 -19.38
CA ALA B 192 0.41 -4.88 -20.03
C ALA B 192 -0.41 -4.09 -19.02
N LEU B 193 -1.16 -4.81 -18.19
CA LEU B 193 -2.01 -4.22 -17.15
C LEU B 193 -1.22 -3.35 -16.17
N GLU B 194 0.01 -3.73 -15.84
CA GLU B 194 0.78 -3.03 -14.82
C GLU B 194 1.39 -1.71 -15.33
N SER B 195 1.81 -1.74 -16.59
CA SER B 195 2.27 -0.58 -17.31
C SER B 195 1.09 0.32 -17.67
N ASP B 196 -0.08 -0.27 -17.91
CA ASP B 196 -1.26 0.50 -18.29
C ASP B 196 -1.82 1.22 -17.09
N THR B 197 -1.51 0.70 -15.92
CA THR B 197 -1.96 1.33 -14.71
C THR B 197 -1.18 2.61 -14.46
N ARG B 198 0.05 2.65 -14.94
CA ARG B 198 0.87 3.85 -14.78
C ARG B 198 0.43 4.96 -15.72
N VAL B 199 0.26 4.61 -16.99
CA VAL B 199 -0.17 5.56 -18.01
C VAL B 199 -1.56 6.12 -17.68
N LEU B 200 -2.45 5.25 -17.19
CA LEU B 200 -3.80 5.71 -16.85
C LEU B 200 -3.81 6.62 -15.63
N ALA B 201 -2.85 6.45 -14.72
CA ALA B 201 -2.81 7.27 -13.50
C ALA B 201 -2.46 8.71 -13.89
N TYR B 202 -1.61 8.81 -14.91
CA TYR B 202 -1.24 10.08 -15.48
C TYR B 202 -2.47 10.77 -16.01
N HIS B 203 -3.18 10.12 -16.95
CA HIS B 203 -4.39 10.69 -17.59
C HIS B 203 -5.51 11.03 -16.57
N LEU B 204 -5.94 10.00 -15.84
CA LEU B 204 -6.99 10.11 -14.84
C LEU B 204 -6.65 11.05 -13.68
N GLY B 205 -5.39 11.05 -13.26
CA GLY B 205 -4.96 11.96 -12.22
C GLY B 205 -4.95 13.41 -12.67
N ARG B 206 -4.35 13.69 -13.82
CA ARG B 206 -4.33 15.08 -14.28
C ARG B 206 -5.68 15.54 -14.77
N ASN B 207 -6.36 14.68 -15.53
CA ASN B 207 -7.58 15.12 -16.21
C ASN B 207 -8.84 15.05 -15.35
N TYR B 208 -8.90 14.15 -14.37
CA TYR B 208 -10.12 14.01 -13.55
C TYR B 208 -9.92 13.95 -12.07
N ASN B 209 -8.68 13.92 -11.60
CA ASN B 209 -8.42 13.80 -10.16
C ASN B 209 -9.02 12.49 -9.62
N ILE B 210 -8.76 11.41 -10.35
CA ILE B 210 -9.24 10.05 -10.07
C ILE B 210 -7.99 9.14 -9.91
N ARG B 211 -8.05 8.19 -8.99
CA ARG B 211 -6.87 7.34 -8.73
C ARG B 211 -7.03 5.94 -9.31
N ILE B 212 -5.91 5.37 -9.78
CA ILE B 212 -5.85 3.98 -10.26
C ILE B 212 -4.58 3.24 -9.76
N ASN B 213 -4.80 2.02 -9.29
CA ASN B 213 -3.73 1.25 -8.74
C ASN B 213 -4.04 -0.18 -9.06
N THR B 214 -3.04 -1.04 -8.88
CA THR B 214 -3.22 -2.48 -9.04
C THR B 214 -2.63 -3.28 -7.86
N ILE B 215 -3.26 -4.41 -7.55
CA ILE B 215 -2.85 -5.29 -6.46
C ILE B 215 -2.32 -6.57 -7.06
N SER B 216 -1.04 -6.86 -6.84
CA SER B 216 -0.41 -8.13 -7.26
C SER B 216 -0.69 -9.20 -6.17
N ALA B 217 -1.83 -9.85 -6.31
CA ALA B 217 -2.31 -10.81 -5.32
C ALA B 217 -1.44 -12.07 -5.30
N GLY B 218 -1.37 -12.74 -4.17
CA GLY B 218 -0.72 -14.06 -4.10
C GLY B 218 -1.71 -15.13 -4.54
N PRO B 219 -1.36 -16.42 -4.42
CA PRO B 219 -2.18 -17.50 -5.00
C PRO B 219 -3.50 -17.73 -4.26
N LEU B 220 -4.61 -17.94 -5.00
CA LEU B 220 -5.91 -18.24 -4.38
C LEU B 220 -6.63 -19.34 -5.15
N LYS B 221 -7.28 -20.27 -4.43
CA LYS B 221 -7.92 -21.46 -5.05
C LYS B 221 -9.33 -21.22 -5.62
N SER B 222 -9.38 -20.33 -6.60
CA SER B 222 -10.63 -19.89 -7.18
C SER B 222 -11.05 -20.75 -8.37
N ARG B 223 -12.33 -20.68 -8.75
CA ARG B 223 -12.82 -21.35 -9.98
C ARG B 223 -11.80 -21.27 -11.11
N ALA B 224 -11.46 -20.04 -11.50
CA ALA B 224 -10.53 -19.77 -12.60
C ALA B 224 -9.17 -20.43 -12.41
N ALA B 225 -8.69 -20.45 -11.17
CA ALA B 225 -7.34 -20.96 -10.89
C ALA B 225 -7.15 -22.46 -11.19
N THR B 226 -8.21 -23.25 -11.01
CA THR B 226 -8.16 -24.68 -11.31
C THR B 226 -8.25 -24.93 -12.81
N ALA B 227 -8.78 -23.95 -13.55
CA ALA B 227 -8.77 -24.03 -15.01
C ALA B 227 -7.34 -24.15 -15.61
N ILE B 228 -6.31 -23.83 -14.82
CA ILE B 228 -4.89 -23.97 -15.25
C ILE B 228 -4.37 -25.42 -15.15
N ASN B 229 -5.30 -26.37 -15.00
CA ASN B 229 -4.97 -27.78 -14.72
C ASN B 229 -4.77 -27.96 -13.22
N THR B 272 -2.43 -29.91 -9.55
CA THR B 272 -2.77 -28.65 -10.26
C THR B 272 -1.83 -27.48 -9.93
N PHE B 273 -1.63 -26.60 -10.92
CA PHE B 273 -0.76 -25.42 -10.81
C PHE B 273 -1.01 -24.65 -9.52
N ILE B 274 -2.28 -24.51 -9.17
CA ILE B 274 -2.64 -23.71 -8.01
C ILE B 274 -2.26 -24.36 -6.66
N ASP B 275 -2.39 -25.68 -6.54
CA ASP B 275 -2.05 -26.33 -5.28
C ASP B 275 -0.56 -26.19 -4.99
N TYR B 276 0.22 -26.39 -6.05
CA TYR B 276 1.67 -26.26 -6.03
C TYR B 276 2.08 -24.89 -5.54
N ALA B 277 1.47 -23.89 -6.18
CA ALA B 277 1.74 -22.49 -5.90
C ALA B 277 1.28 -22.06 -4.50
N ILE B 278 0.26 -22.71 -3.96
CA ILE B 278 -0.17 -22.44 -2.60
C ILE B 278 0.76 -23.12 -1.66
N GLU B 279 1.02 -24.41 -1.90
CA GLU B 279 1.94 -25.16 -1.07
C GLU B 279 3.30 -24.46 -1.01
N TYR B 280 3.66 -23.77 -2.10
CA TYR B 280 4.95 -23.08 -2.19
C TYR B 280 4.96 -21.79 -1.37
N SER B 281 3.89 -21.02 -1.49
CA SER B 281 3.78 -19.73 -0.81
C SER B 281 3.73 -19.91 0.70
N GLU B 282 3.09 -21.00 1.13
CA GLU B 282 2.87 -21.29 2.54
C GLU B 282 4.12 -21.80 3.27
N LYS B 283 5.06 -22.32 2.47
CA LYS B 283 6.35 -22.80 2.98
C LYS B 283 7.51 -21.77 2.88
N TYR B 284 7.54 -20.93 1.84
CA TYR B 284 8.72 -20.08 1.65
C TYR B 284 8.50 -18.61 1.90
N ALA B 285 7.26 -18.16 1.92
CA ALA B 285 7.00 -16.75 2.15
C ALA B 285 7.45 -16.37 3.56
N PRO B 286 7.70 -15.07 3.82
CA PRO B 286 7.97 -14.58 5.17
C PRO B 286 6.83 -14.85 6.12
N LEU B 287 5.60 -14.54 5.69
CA LEU B 287 4.45 -14.80 6.52
C LEU B 287 3.84 -16.16 6.17
N ARG B 288 4.20 -17.14 7.00
CA ARG B 288 3.70 -18.50 6.85
C ARG B 288 2.32 -18.58 7.49
N GLN B 289 1.31 -18.31 6.67
CA GLN B 289 -0.07 -18.21 7.12
C GLN B 289 -0.91 -18.17 5.84
N LYS B 290 -2.07 -18.83 5.86
CA LYS B 290 -2.94 -18.91 4.69
C LYS B 290 -3.36 -17.52 4.24
N LEU B 291 -3.28 -17.28 2.94
CA LEU B 291 -3.63 -15.99 2.37
C LEU B 291 -5.06 -16.09 1.90
N LEU B 292 -5.91 -15.20 2.44
CA LEU B 292 -7.37 -15.23 2.25
C LEU B 292 -7.88 -14.12 1.34
N SER B 293 -8.88 -14.42 0.52
CA SER B 293 -9.51 -13.41 -0.34
C SER B 293 -9.79 -12.11 0.40
N THR B 294 -10.15 -12.20 1.68
CA THR B 294 -10.38 -10.98 2.47
C THR B 294 -9.10 -10.18 2.78
N ASP B 295 -7.92 -10.84 2.82
CA ASP B 295 -6.61 -10.14 2.97
C ASP B 295 -6.38 -9.15 1.83
N ILE B 296 -6.69 -9.60 0.61
CA ILE B 296 -6.73 -8.74 -0.56
C ILE B 296 -7.89 -7.74 -0.52
N GLY B 297 -9.07 -8.24 -0.13
CA GLY B 297 -10.24 -7.42 0.13
C GLY B 297 -9.98 -6.15 0.92
N SER B 298 -9.34 -6.27 2.08
CA SER B 298 -9.15 -5.15 2.98
C SER B 298 -8.11 -4.17 2.45
N VAL B 299 -7.18 -4.66 1.65
CA VAL B 299 -6.22 -3.76 1.02
C VAL B 299 -6.96 -3.01 -0.09
N ALA B 300 -7.76 -3.72 -0.89
CA ALA B 300 -8.64 -3.03 -1.86
C ALA B 300 -9.51 -1.95 -1.21
N SER B 301 -9.98 -2.21 0.00
CA SER B 301 -10.80 -1.25 0.71
C SER B 301 -9.99 0.01 0.97
N PHE B 302 -8.73 -0.19 1.38
CA PHE B 302 -7.86 0.91 1.78
C PHE B 302 -7.55 1.80 0.59
N LEU B 303 -6.94 1.17 -0.41
CA LEU B 303 -6.70 1.78 -1.72
C LEU B 303 -7.92 2.49 -2.34
N LEU B 304 -9.11 1.93 -2.15
CA LEU B 304 -10.34 2.56 -2.67
C LEU B 304 -10.88 3.74 -1.84
N SER B 305 -10.42 3.86 -0.59
CA SER B 305 -10.84 4.93 0.32
C SER B 305 -9.93 6.16 0.26
N ARG B 306 -10.40 7.25 0.87
CA ARG B 306 -9.69 8.53 0.87
C ARG B 306 -8.35 8.33 1.54
N GLU B 307 -8.29 7.34 2.41
CA GLU B 307 -7.10 7.01 3.19
C GLU B 307 -5.85 6.76 2.37
N SER B 308 -6.02 6.50 1.08
CA SER B 308 -4.89 6.29 0.18
C SER B 308 -4.74 7.46 -0.79
N ARG B 309 -5.09 8.66 -0.34
CA ARG B 309 -5.17 9.88 -1.14
C ARG B 309 -3.97 10.10 -2.07
N ALA B 310 -2.78 9.80 -1.57
CA ALA B 310 -1.54 10.16 -2.25
C ALA B 310 -0.82 9.01 -2.94
N ILE B 311 -1.54 7.91 -3.11
CA ILE B 311 -1.01 6.77 -3.83
C ILE B 311 -1.71 6.71 -5.19
N THR B 312 -0.93 6.72 -6.26
CA THR B 312 -1.49 6.43 -7.59
C THR B 312 -0.46 5.82 -8.54
N GLY B 313 -0.94 5.01 -9.47
CA GLY B 313 -0.07 4.34 -10.45
C GLY B 313 0.78 3.17 -9.99
N GLN B 314 0.46 2.60 -8.84
CA GLN B 314 1.35 1.63 -8.20
C GLN B 314 0.90 0.19 -8.35
N THR B 315 1.88 -0.71 -8.29
CA THR B 315 1.65 -2.13 -8.15
C THR B 315 1.92 -2.44 -6.69
N ILE B 316 0.85 -2.67 -5.93
CA ILE B 316 0.96 -3.09 -4.54
C ILE B 316 0.87 -4.61 -4.40
N TYR B 317 1.92 -5.16 -3.82
CA TYR B 317 2.01 -6.59 -3.58
C TYR B 317 1.25 -7.01 -2.32
N VAL B 318 0.30 -7.93 -2.47
CA VAL B 318 -0.35 -8.54 -1.28
C VAL B 318 -0.25 -10.08 -1.35
N ASP B 319 0.87 -10.60 -0.84
CA ASP B 319 1.22 -12.00 -1.05
C ASP B 319 2.09 -12.54 0.07
N ASN B 320 1.88 -12.02 1.29
CA ASN B 320 2.73 -12.33 2.47
C ASN B 320 4.23 -12.15 2.21
N GLY B 321 4.60 -11.37 1.22
CA GLY B 321 6.04 -11.09 1.00
C GLY B 321 6.85 -12.04 0.11
N LEU B 322 6.17 -12.93 -0.62
CA LEU B 322 6.87 -13.93 -1.40
C LEU B 322 7.73 -13.32 -2.52
N ASN B 323 7.26 -12.22 -3.07
CA ASN B 323 7.96 -11.59 -4.15
C ASN B 323 9.39 -11.20 -3.77
N ILE B 324 9.64 -10.95 -2.51
CA ILE B 324 10.97 -10.49 -2.10
C ILE B 324 11.99 -11.61 -1.94
N MET B 325 11.53 -12.84 -2.05
CA MET B 325 12.41 -13.97 -1.91
C MET B 325 13.19 -14.28 -3.20
N PHE B 326 14.35 -14.90 -3.07
CA PHE B 326 15.13 -15.33 -4.23
C PHE B 326 15.25 -16.84 -4.16
N LEU B 327 16.15 -17.30 -3.31
CA LEU B 327 16.31 -18.73 -3.05
C LEU B 327 15.33 -19.17 -1.93
N PRO B 328 14.80 -20.39 -2.07
CA PRO B 328 14.18 -21.11 -0.96
C PRO B 328 15.21 -21.42 0.16
N ASP B 329 14.77 -22.21 1.14
CA ASP B 329 15.59 -22.70 2.26
C ASP B 329 15.59 -24.22 2.23
#